data_7WQX
#
_entry.id   7WQX
#
_cell.length_a   1.00
_cell.length_b   1.00
_cell.length_c   1.00
_cell.angle_alpha   90.00
_cell.angle_beta   90.00
_cell.angle_gamma   90.00
#
_symmetry.space_group_name_H-M   'P 1'
#
loop_
_entity.id
_entity.type
_entity.pdbx_description
1 polymer Enteropeptidase
2 non-polymer 2-acetamido-2-deoxy-beta-D-glucopyranose
#
_entity_poly.entity_id   1
_entity_poly.type   'polypeptide(L)'
_entity_poly.pdbx_seq_one_letter_code
;ELPTDCGGPFELWEPNTTFSSTNFPNSYPNLAFCVWILNAQKGKNIQLHFQEFDLENINDVVEIRDGEEADSLLLAVYTG
PGPVKDVFSTTNRMTVLLITNDVLARGGFKANFTTGYHLGIPEPCKADHFQCKNGECVPLVNLCDGHLHCEDGSDEADCV
RFFNGTTNNNGLVRFRIQSIWHTACAENWTTQISNDVCQLLGLGSGNSSKPIFPTDGGPFVKLNTAPDGHLILTPSQQCL
QDSLIRLQCNHKSCGKKLAAQDITPKIVGGSNAKEGAWPWVVGLYYGGRLLCGASLVSSDWLVSAAHCVYGRNLEPSKWT
AILGLHMKSNLTSPQTVPRLIDEIVINPHYNRRRKDNDIAMMHLEFKVNYTDYIQPICLPEENQVFPPGRNCSIAGWGTV
VYQGTTANILQEADVPLLSNERCQQQMPEYNITENMICAGYEEGGIDSCQGDSGGPLMCQENNRWFLAGVTSFGYKCALP
NRPGVYARVSRFTEWIQSFLH
;
_entity_poly.pdbx_strand_id   A
#
# COMPACT_ATOMS: atom_id res chain seq x y z
N GLU A 1 -0.88 -11.18 36.95
CA GLU A 1 0.29 -11.68 37.64
C GLU A 1 1.24 -12.40 36.68
N LEU A 2 1.17 -12.01 35.40
CA LEU A 2 2.01 -12.59 34.35
C LEU A 2 2.76 -11.46 33.65
N PRO A 3 3.85 -10.98 34.23
CA PRO A 3 4.63 -9.92 33.59
C PRO A 3 5.49 -10.46 32.46
N THR A 4 5.88 -9.55 31.57
CA THR A 4 6.76 -9.90 30.47
C THR A 4 8.15 -10.22 30.98
N ASP A 5 8.65 -11.42 30.65
CA ASP A 5 9.97 -11.83 31.10
C ASP A 5 11.05 -11.20 30.24
N CYS A 6 12.12 -10.74 30.90
CA CYS A 6 13.26 -10.12 30.24
C CYS A 6 14.53 -10.84 30.66
N GLY A 7 15.41 -11.09 29.71
CA GLY A 7 16.65 -11.79 29.99
C GLY A 7 16.81 -13.06 29.18
N GLY A 8 16.13 -13.14 28.04
CA GLY A 8 16.22 -14.29 27.18
C GLY A 8 17.46 -14.25 26.30
N PRO A 9 17.53 -15.17 25.33
CA PRO A 9 18.69 -15.19 24.43
C PRO A 9 18.67 -14.03 23.45
N PHE A 10 19.13 -12.86 23.89
CA PHE A 10 19.11 -11.68 23.04
C PHE A 10 20.15 -11.78 21.93
N GLU A 11 21.42 -11.87 22.31
CA GLU A 11 22.50 -11.93 21.32
C GLU A 11 22.77 -13.39 20.95
N LEU A 12 22.71 -13.69 19.66
CA LEU A 12 22.97 -15.04 19.14
C LEU A 12 24.03 -14.94 18.05
N TRP A 13 25.15 -15.61 18.26
CA TRP A 13 26.28 -15.56 17.35
C TRP A 13 26.17 -16.67 16.30
N GLU A 14 27.26 -16.90 15.56
CA GLU A 14 27.21 -17.86 14.46
C GLU A 14 27.12 -19.30 14.94
N PRO A 15 27.99 -19.80 15.85
CA PRO A 15 27.87 -21.20 16.27
C PRO A 15 26.56 -21.49 17.00
N ASN A 16 26.13 -20.55 17.85
CA ASN A 16 24.84 -20.67 18.53
C ASN A 16 23.74 -20.41 17.51
N THR A 17 23.21 -21.49 16.93
CA THR A 17 22.27 -21.37 15.82
C THR A 17 20.89 -21.90 16.20
N THR A 18 20.83 -23.13 16.71
CA THR A 18 19.55 -23.78 16.98
C THR A 18 18.89 -23.19 18.23
N PHE A 19 18.17 -22.10 18.07
CA PHE A 19 17.46 -21.49 19.18
C PHE A 19 15.97 -21.81 19.10
N SER A 20 15.26 -21.50 20.18
CA SER A 20 13.82 -21.71 20.27
C SER A 20 13.30 -20.94 21.48
N SER A 21 11.99 -20.92 21.61
CA SER A 21 11.36 -20.30 22.77
C SER A 21 11.59 -21.16 24.01
N THR A 22 11.23 -20.61 25.16
CA THR A 22 11.34 -21.35 26.41
C THR A 22 10.46 -22.59 26.36
N ASN A 23 11.04 -23.73 26.75
CA ASN A 23 10.40 -25.04 26.71
C ASN A 23 9.63 -25.26 25.41
N PHE A 24 10.36 -25.30 24.29
CA PHE A 24 9.73 -25.43 22.98
C PHE A 24 8.79 -26.63 22.86
N PRO A 25 9.16 -27.86 23.26
CA PRO A 25 8.19 -28.97 23.19
C PRO A 25 7.23 -28.97 24.38
N ASN A 26 6.74 -27.77 24.72
CA ASN A 26 5.85 -27.57 25.85
C ASN A 26 5.02 -26.31 25.61
N SER A 27 4.35 -25.81 26.65
CA SER A 27 3.53 -24.61 26.51
C SER A 27 4.34 -23.41 26.98
N TYR A 28 4.45 -22.39 26.11
CA TYR A 28 5.19 -21.18 26.44
C TYR A 28 4.38 -20.29 27.37
N PRO A 29 5.05 -19.44 28.15
CA PRO A 29 4.31 -18.54 29.05
C PRO A 29 3.59 -17.44 28.28
N ASN A 30 2.40 -17.10 28.79
CA ASN A 30 1.61 -16.04 28.19
C ASN A 30 2.15 -14.67 28.58
N LEU A 31 1.69 -13.65 27.84
CA LEU A 31 2.10 -12.26 28.06
C LEU A 31 3.61 -12.08 27.99
N ALA A 32 4.29 -12.93 27.21
CA ALA A 32 5.72 -12.88 27.05
C ALA A 32 6.07 -12.12 25.78
N PHE A 33 7.04 -11.20 25.89
CA PHE A 33 7.52 -10.42 24.75
C PHE A 33 9.04 -10.57 24.72
N CYS A 34 9.52 -11.61 24.04
CA CYS A 34 10.93 -11.90 23.95
C CYS A 34 11.48 -11.49 22.59
N VAL A 35 12.80 -11.28 22.55
CA VAL A 35 13.49 -10.83 21.35
C VAL A 35 14.76 -11.64 21.19
N TRP A 36 14.97 -12.19 19.99
CA TRP A 36 16.17 -12.97 19.67
C TRP A 36 16.90 -12.25 18.54
N ILE A 37 17.82 -11.37 18.92
CA ILE A 37 18.60 -10.64 17.93
C ILE A 37 19.62 -11.58 17.28
N LEU A 38 19.61 -11.63 15.95
CA LEU A 38 20.48 -12.53 15.20
C LEU A 38 21.63 -11.71 14.60
N ASN A 39 22.71 -11.59 15.36
CA ASN A 39 23.89 -10.91 14.86
C ASN A 39 24.60 -11.75 13.82
N ALA A 40 25.38 -11.09 12.97
CA ALA A 40 26.11 -11.77 11.90
C ALA A 40 27.30 -10.91 11.51
N GLN A 41 28.11 -11.42 10.59
CA GLN A 41 29.26 -10.70 10.09
C GLN A 41 28.83 -9.61 9.11
N LYS A 42 29.66 -8.58 9.00
CA LYS A 42 29.37 -7.47 8.11
C LYS A 42 29.45 -7.94 6.66
N GLY A 43 28.32 -7.91 5.97
CA GLY A 43 28.25 -8.34 4.59
C GLY A 43 27.52 -9.64 4.34
N LYS A 44 26.89 -10.21 5.36
CA LYS A 44 26.14 -11.45 5.23
C LYS A 44 24.73 -11.26 5.77
N ASN A 45 23.75 -11.79 5.05
CA ASN A 45 22.36 -11.65 5.46
C ASN A 45 21.99 -12.79 6.41
N ILE A 46 20.70 -12.90 6.73
CA ILE A 46 20.21 -13.90 7.66
C ILE A 46 19.13 -14.72 6.98
N GLN A 47 19.23 -16.05 7.07
CA GLN A 47 18.23 -16.96 6.55
C GLN A 47 17.71 -17.82 7.69
N LEU A 48 16.47 -17.57 8.09
CA LEU A 48 15.85 -18.25 9.22
C LEU A 48 14.91 -19.33 8.71
N HIS A 49 15.17 -20.58 9.10
CA HIS A 49 14.36 -21.73 8.70
C HIS A 49 13.74 -22.34 9.95
N PHE A 50 12.42 -22.22 10.08
CA PHE A 50 11.69 -22.76 11.23
C PHE A 50 11.60 -24.28 11.06
N GLN A 51 12.29 -25.01 11.95
CA GLN A 51 12.23 -26.46 11.92
C GLN A 51 10.83 -26.97 12.28
N GLU A 52 10.21 -26.37 13.30
CA GLU A 52 8.87 -26.76 13.72
C GLU A 52 8.16 -25.53 14.25
N PHE A 53 6.98 -25.25 13.73
CA PHE A 53 6.23 -24.04 14.08
C PHE A 53 4.78 -24.41 14.33
N ASP A 54 4.30 -24.15 15.54
CA ASP A 54 2.88 -24.34 15.87
C ASP A 54 2.54 -23.32 16.96
N LEU A 55 1.95 -22.20 16.55
CA LEU A 55 1.63 -21.11 17.45
C LEU A 55 0.11 -21.00 17.61
N GLU A 56 -0.32 -19.98 18.34
CA GLU A 56 -1.73 -19.71 18.54
C GLU A 56 -2.29 -18.99 17.32
N ASN A 57 -3.50 -18.44 17.43
CA ASN A 57 -4.13 -17.72 16.34
C ASN A 57 -3.52 -16.33 16.24
N ILE A 58 -4.21 -15.42 15.53
CA ILE A 58 -3.74 -14.06 15.26
C ILE A 58 -3.38 -13.32 16.54
N ASN A 59 -3.85 -13.81 17.69
CA ASN A 59 -3.54 -13.15 18.95
C ASN A 59 -2.05 -13.18 19.25
N ASP A 60 -1.37 -14.28 18.94
CA ASP A 60 0.06 -14.43 19.15
C ASP A 60 0.76 -14.50 17.81
N VAL A 61 1.85 -13.74 17.68
CA VAL A 61 2.58 -13.61 16.42
C VAL A 61 4.08 -13.62 16.69
N VAL A 62 4.83 -13.93 15.64
CA VAL A 62 6.29 -13.83 15.63
C VAL A 62 6.62 -12.81 14.55
N GLU A 63 7.19 -11.68 14.94
CA GLU A 63 7.51 -10.59 14.02
C GLU A 63 9.01 -10.61 13.75
N ILE A 64 9.38 -10.75 12.49
CA ILE A 64 10.77 -10.77 12.07
C ILE A 64 11.10 -9.44 11.40
N ARG A 65 12.12 -8.76 11.92
CA ARG A 65 12.52 -7.44 11.47
C ARG A 65 13.98 -7.46 11.07
N ASP A 66 14.36 -6.46 10.26
CA ASP A 66 15.71 -6.29 9.75
C ASP A 66 16.21 -4.88 10.06
N GLY A 67 16.02 -4.46 11.31
CA GLY A 67 16.29 -3.10 11.72
C GLY A 67 17.75 -2.67 11.63
N GLU A 68 18.59 -3.27 12.47
CA GLU A 68 20.01 -2.95 12.63
C GLU A 68 20.23 -1.56 13.24
N GLU A 69 19.17 -0.81 13.52
CA GLU A 69 19.27 0.53 14.10
C GLU A 69 17.93 0.86 14.73
N ALA A 70 17.75 2.15 15.07
CA ALA A 70 16.52 2.58 15.73
C ALA A 70 15.29 2.38 14.85
N ASP A 71 15.41 2.67 13.55
CA ASP A 71 14.31 2.49 12.62
C ASP A 71 14.34 1.06 12.11
N SER A 72 13.40 0.24 12.60
CA SER A 72 13.36 -1.18 12.27
C SER A 72 12.42 -1.42 11.10
N LEU A 73 12.82 -2.34 10.22
CA LEU A 73 12.01 -2.72 9.07
C LEU A 73 11.01 -3.81 9.48
N LEU A 74 10.36 -4.43 8.50
CA LEU A 74 9.40 -5.50 8.75
C LEU A 74 9.55 -6.53 7.65
N LEU A 75 9.92 -7.76 8.03
CA LEU A 75 10.11 -8.83 7.05
C LEU A 75 8.90 -9.76 6.98
N ALA A 76 8.41 -10.23 8.13
CA ALA A 76 7.28 -11.14 8.14
C ALA A 76 6.61 -11.11 9.51
N VAL A 77 5.33 -11.45 9.53
CA VAL A 77 4.56 -11.58 10.76
C VAL A 77 3.89 -12.94 10.70
N TYR A 78 4.52 -13.95 11.28
CA TYR A 78 4.02 -15.32 11.22
C TYR A 78 3.12 -15.62 12.40
N THR A 79 2.14 -16.50 12.17
CA THR A 79 1.22 -16.94 13.22
C THR A 79 0.57 -18.23 12.77
N GLY A 80 -0.16 -18.87 13.68
CA GLY A 80 -0.85 -20.10 13.39
C GLY A 80 0.07 -21.29 13.26
N PRO A 81 -0.49 -22.49 13.28
CA PRO A 81 0.34 -23.70 13.13
C PRO A 81 0.77 -23.93 11.69
N GLY A 82 1.49 -25.02 11.45
CA GLY A 82 1.95 -25.37 10.13
C GLY A 82 3.27 -24.72 9.79
N PRO A 83 3.94 -25.24 8.76
CA PRO A 83 5.22 -24.67 8.36
C PRO A 83 5.06 -23.33 7.67
N VAL A 84 6.10 -22.50 7.80
CA VAL A 84 6.11 -21.16 7.21
C VAL A 84 7.33 -21.04 6.31
N LYS A 85 7.33 -19.98 5.50
CA LYS A 85 8.42 -19.74 4.58
C LYS A 85 9.67 -19.27 5.32
N ASP A 86 10.82 -19.50 4.69
CA ASP A 86 12.09 -19.09 5.27
C ASP A 86 12.32 -17.61 4.97
N VAL A 87 12.42 -16.80 6.01
CA VAL A 87 12.60 -15.36 5.83
C VAL A 87 14.05 -15.08 5.42
N PHE A 88 14.22 -14.25 4.39
CA PHE A 88 15.52 -13.89 3.86
C PHE A 88 15.80 -12.44 4.20
N SER A 89 16.85 -12.21 4.99
CA SER A 89 17.21 -10.87 5.42
C SER A 89 18.12 -10.20 4.40
N THR A 90 18.57 -8.99 4.71
CA THR A 90 19.50 -8.25 3.87
C THR A 90 20.68 -7.65 4.63
N THR A 91 20.64 -7.61 5.95
CA THR A 91 21.72 -7.09 6.77
C THR A 91 22.19 -8.17 7.74
N ASN A 92 23.12 -7.80 8.62
CA ASN A 92 23.71 -8.73 9.57
C ASN A 92 22.98 -8.79 10.89
N ARG A 93 21.80 -8.18 10.99
CA ARG A 93 21.02 -8.18 12.23
C ARG A 93 19.56 -8.45 11.92
N MET A 94 18.96 -9.36 12.67
CA MET A 94 17.55 -9.71 12.53
C MET A 94 16.92 -9.79 13.92
N THR A 95 15.78 -9.14 14.09
CA THR A 95 15.08 -9.10 15.37
C THR A 95 13.87 -10.02 15.30
N VAL A 96 13.78 -10.96 16.24
CA VAL A 96 12.68 -11.92 16.29
C VAL A 96 11.88 -11.62 17.55
N LEU A 97 10.80 -10.86 17.40
CA LEU A 97 9.93 -10.50 18.51
C LEU A 97 8.79 -11.52 18.62
N LEU A 98 8.48 -11.92 19.85
CA LEU A 98 7.42 -12.88 20.12
C LEU A 98 6.30 -12.16 20.88
N ILE A 99 5.24 -11.78 20.18
CA ILE A 99 4.12 -11.09 20.79
C ILE A 99 3.07 -12.13 21.20
N THR A 100 2.75 -12.17 22.49
CA THR A 100 1.84 -13.16 23.03
C THR A 100 0.70 -12.49 23.79
N ASN A 101 -0.42 -13.19 23.87
CA ASN A 101 -1.58 -12.74 24.62
C ASN A 101 -1.50 -13.28 26.05
N ASP A 102 -2.62 -13.21 26.77
CA ASP A 102 -2.66 -13.63 28.17
C ASP A 102 -3.18 -15.04 28.38
N VAL A 103 -3.83 -15.65 27.39
CA VAL A 103 -4.42 -16.98 27.52
C VAL A 103 -4.12 -17.79 26.27
N LEU A 104 -4.53 -19.06 26.31
CA LEU A 104 -4.42 -19.99 25.19
C LEU A 104 -2.95 -20.12 24.74
N ALA A 105 -2.13 -20.64 25.64
CA ALA A 105 -0.71 -20.84 25.37
C ALA A 105 -0.53 -22.07 24.47
N ARG A 106 0.01 -21.85 23.27
CA ARG A 106 0.27 -22.93 22.34
C ARG A 106 1.67 -23.50 22.62
N GLY A 107 2.20 -24.30 21.70
CA GLY A 107 3.50 -24.90 21.88
C GLY A 107 4.67 -23.94 21.80
N GLY A 108 4.92 -23.40 20.61
CA GLY A 108 6.06 -22.52 20.42
C GLY A 108 6.77 -22.76 19.10
N PHE A 109 7.84 -22.01 18.85
CA PHE A 109 8.56 -22.10 17.59
C PHE A 109 10.01 -22.53 17.85
N LYS A 110 10.68 -22.94 16.77
CA LYS A 110 12.07 -23.37 16.82
C LYS A 110 12.65 -23.25 15.43
N ALA A 111 13.84 -22.68 15.32
CA ALA A 111 14.44 -22.41 14.01
C ALA A 111 15.96 -22.51 14.11
N ASN A 112 16.61 -22.44 12.95
CA ASN A 112 18.07 -22.48 12.88
C ASN A 112 18.48 -21.62 11.68
N PHE A 113 19.01 -20.42 11.96
CA PHE A 113 19.36 -19.50 10.90
C PHE A 113 20.72 -19.87 10.31
N THR A 114 21.10 -19.13 9.26
CA THR A 114 22.40 -19.33 8.62
C THR A 114 22.83 -18.03 7.99
N THR A 115 24.10 -17.67 8.16
CA THR A 115 24.62 -16.41 7.64
C THR A 115 25.43 -16.68 6.37
N GLY A 116 25.07 -16.00 5.28
CA GLY A 116 25.76 -16.16 4.03
C GLY A 116 25.71 -14.90 3.20
N TYR A 117 26.39 -14.95 2.05
CA TYR A 117 26.45 -13.82 1.14
C TYR A 117 25.25 -13.85 0.21
N HIS A 118 24.32 -12.91 0.42
CA HIS A 118 23.15 -12.75 -0.44
C HIS A 118 22.31 -14.03 -0.50
N LEU A 119 21.99 -14.57 0.67
CA LEU A 119 21.14 -15.74 0.73
C LEU A 119 19.70 -15.37 0.41
N GLY A 120 18.97 -16.33 -0.15
CA GLY A 120 17.60 -16.10 -0.55
C GLY A 120 17.50 -15.51 -1.95
N ILE A 121 18.10 -14.35 -2.15
CA ILE A 121 18.17 -13.72 -3.47
C ILE A 121 19.06 -14.59 -4.36
N PRO A 122 18.54 -15.10 -5.49
CA PRO A 122 19.35 -15.97 -6.33
C PRO A 122 20.54 -15.26 -6.93
N GLU A 123 21.53 -16.05 -7.32
CA GLU A 123 22.74 -15.50 -7.90
C GLU A 123 22.42 -14.85 -9.24
N PRO A 124 22.92 -13.64 -9.50
CA PRO A 124 22.66 -13.00 -10.80
C PRO A 124 23.29 -13.80 -11.93
N CYS A 125 22.54 -13.94 -13.03
CA CYS A 125 22.98 -14.74 -14.15
C CYS A 125 23.97 -13.95 -15.00
N LYS A 126 24.26 -14.43 -16.20
CA LYS A 126 25.23 -13.77 -17.07
C LYS A 126 24.78 -12.36 -17.40
N ALA A 127 25.75 -11.49 -17.68
CA ALA A 127 25.49 -10.07 -17.85
C ALA A 127 24.77 -9.76 -19.16
N ASP A 128 24.74 -10.69 -20.10
CA ASP A 128 24.06 -10.44 -21.37
C ASP A 128 22.54 -10.52 -21.27
N HIS A 129 21.99 -10.67 -20.07
CA HIS A 129 20.55 -10.74 -19.86
C HIS A 129 20.11 -9.65 -18.89
N PHE A 130 18.79 -9.48 -18.81
CA PHE A 130 18.16 -8.55 -17.88
C PHE A 130 17.44 -9.37 -16.82
N GLN A 131 17.71 -9.07 -15.55
CA GLN A 131 17.12 -9.83 -14.46
C GLN A 131 15.75 -9.28 -14.10
N CYS A 132 14.78 -10.17 -13.94
CA CYS A 132 13.44 -9.78 -13.52
C CYS A 132 13.45 -9.49 -12.02
N LYS A 133 12.27 -9.25 -11.46
CA LYS A 133 12.16 -9.03 -10.02
C LYS A 133 12.26 -10.33 -9.22
N ASN A 134 11.96 -11.47 -9.84
CA ASN A 134 12.01 -12.76 -9.16
C ASN A 134 13.36 -13.46 -9.33
N GLY A 135 14.38 -12.76 -9.82
CA GLY A 135 15.70 -13.32 -9.99
C GLY A 135 15.96 -13.93 -11.36
N GLU A 136 14.93 -14.42 -12.03
CA GLU A 136 15.10 -14.98 -13.36
C GLU A 136 15.53 -13.91 -14.35
N CYS A 137 16.44 -14.26 -15.24
CA CYS A 137 16.97 -13.34 -16.23
C CYS A 137 16.54 -13.78 -17.63
N VAL A 138 16.18 -12.81 -18.47
CA VAL A 138 15.74 -13.06 -19.83
C VAL A 138 16.66 -12.32 -20.79
N PRO A 139 16.84 -12.79 -22.02
CA PRO A 139 17.72 -12.09 -22.96
C PRO A 139 17.28 -10.65 -23.20
N LEU A 140 18.24 -9.82 -23.64
CA LEU A 140 17.98 -8.41 -23.86
C LEU A 140 17.01 -8.18 -25.01
N VAL A 141 16.86 -9.14 -25.91
CA VAL A 141 15.89 -9.00 -27.01
C VAL A 141 14.47 -9.25 -26.55
N ASN A 142 14.26 -9.72 -25.32
CA ASN A 142 12.95 -10.07 -24.82
C ASN A 142 12.33 -8.99 -23.94
N LEU A 143 13.04 -7.89 -23.67
CA LEU A 143 12.53 -6.82 -22.84
C LEU A 143 11.94 -5.71 -23.71
N CYS A 144 10.78 -5.21 -23.29
CA CYS A 144 10.07 -4.13 -23.99
C CYS A 144 9.84 -4.48 -25.45
N ASP A 145 9.23 -5.65 -25.68
CA ASP A 145 8.98 -6.14 -27.02
C ASP A 145 7.51 -6.48 -27.27
N GLY A 146 6.61 -6.05 -26.38
CA GLY A 146 5.21 -6.37 -26.54
C GLY A 146 4.82 -7.78 -26.14
N HIS A 147 5.73 -8.53 -25.50
CA HIS A 147 5.45 -9.89 -25.08
C HIS A 147 5.98 -10.08 -23.66
N LEU A 148 5.11 -10.52 -22.76
CA LEU A 148 5.49 -10.72 -21.38
C LEU A 148 6.40 -11.94 -21.25
N HIS A 149 7.58 -11.73 -20.67
CA HIS A 149 8.53 -12.81 -20.42
C HIS A 149 8.77 -13.07 -18.93
N CYS A 150 8.94 -12.01 -18.14
CA CYS A 150 9.11 -12.18 -16.71
C CYS A 150 7.82 -12.70 -16.07
N GLU A 151 7.97 -13.40 -14.94
CA GLU A 151 6.81 -13.90 -14.23
C GLU A 151 5.94 -12.76 -13.70
N ASP A 152 6.56 -11.64 -13.33
CA ASP A 152 5.83 -10.47 -12.87
C ASP A 152 5.65 -9.41 -13.94
N GLY A 153 6.40 -9.47 -15.02
CA GLY A 153 6.30 -8.51 -16.09
C GLY A 153 7.35 -7.42 -16.09
N SER A 154 8.54 -7.68 -15.54
CA SER A 154 9.57 -6.65 -15.48
C SER A 154 10.16 -6.34 -16.84
N ASP A 155 10.02 -7.22 -17.82
CA ASP A 155 10.58 -6.98 -19.14
C ASP A 155 9.78 -5.94 -19.92
N GLU A 156 8.46 -5.95 -19.76
CA GLU A 156 7.58 -5.04 -20.47
C GLU A 156 7.17 -3.84 -19.64
N ALA A 157 7.61 -3.75 -18.39
CA ALA A 157 7.31 -2.63 -17.54
C ALA A 157 8.37 -1.54 -17.66
N ASP A 158 8.02 -0.33 -17.22
CA ASP A 158 8.87 0.85 -17.25
C ASP A 158 9.67 0.95 -18.54
N CYS A 159 8.97 0.77 -19.65
CA CYS A 159 9.58 0.89 -20.98
C CYS A 159 9.46 2.30 -21.56
N VAL A 160 8.81 3.21 -20.85
CA VAL A 160 8.68 4.60 -21.29
C VAL A 160 8.41 5.45 -20.07
N ARG A 161 9.08 6.61 -20.01
CA ARG A 161 8.94 7.50 -18.87
C ARG A 161 9.17 8.94 -19.34
N PHE A 162 8.75 9.88 -18.50
CA PHE A 162 8.91 11.30 -18.81
C PHE A 162 10.36 11.72 -18.68
N PHE A 163 10.80 12.60 -19.58
CA PHE A 163 12.14 13.17 -19.55
C PHE A 163 12.01 14.68 -19.68
N ASN A 164 12.83 15.40 -18.91
CA ASN A 164 12.78 16.87 -18.87
C ASN A 164 11.37 17.36 -18.55
N GLY A 165 10.73 16.71 -17.59
CA GLY A 165 9.37 17.07 -17.22
C GLY A 165 9.28 18.01 -16.04
N THR A 166 8.67 19.18 -16.25
CA THR A 166 8.50 20.13 -15.15
C THR A 166 7.56 19.61 -14.08
N THR A 167 6.66 18.70 -14.42
CA THR A 167 5.75 18.09 -13.46
C THR A 167 5.68 16.60 -13.75
N ASN A 168 5.03 15.87 -12.84
CA ASN A 168 4.92 14.43 -12.95
C ASN A 168 3.89 13.97 -13.96
N ASN A 169 3.28 14.89 -14.72
CA ASN A 169 2.26 14.54 -15.71
C ASN A 169 2.62 15.00 -17.11
N ASN A 170 3.88 15.36 -17.36
CA ASN A 170 4.31 15.79 -18.68
C ASN A 170 5.83 15.61 -18.78
N GLY A 171 6.37 15.91 -19.95
CA GLY A 171 7.77 15.76 -20.24
C GLY A 171 7.97 15.21 -21.63
N LEU A 172 9.15 14.65 -21.87
CA LEU A 172 9.43 14.03 -23.15
C LEU A 172 8.80 12.64 -23.22
N VAL A 173 9.03 11.96 -24.34
CA VAL A 173 8.36 10.69 -24.63
C VAL A 173 9.40 9.60 -24.85
N ARG A 174 10.53 9.70 -24.13
CA ARG A 174 11.63 8.75 -24.26
C ARG A 174 11.15 7.32 -24.12
N PHE A 175 11.29 6.55 -25.19
CA PHE A 175 10.95 5.13 -25.20
C PHE A 175 12.20 4.29 -24.97
N ARG A 176 11.99 3.01 -24.65
CA ARG A 176 13.07 2.06 -24.43
C ARG A 176 12.83 0.83 -25.28
N ILE A 177 13.78 0.51 -26.15
CA ILE A 177 13.69 -0.68 -27.01
C ILE A 177 15.10 -1.25 -27.14
N GLN A 178 15.18 -2.58 -27.17
CA GLN A 178 16.46 -3.29 -27.30
C GLN A 178 17.46 -2.82 -26.25
N SER A 179 16.96 -2.57 -25.04
CA SER A 179 17.75 -2.15 -23.89
C SER A 179 18.45 -0.81 -24.11
N ILE A 180 17.95 0.02 -25.02
CA ILE A 180 18.46 1.38 -25.19
C ILE A 180 17.29 2.34 -25.22
N TRP A 181 17.50 3.52 -24.63
CA TRP A 181 16.48 4.56 -24.57
C TRP A 181 16.73 5.60 -25.64
N HIS A 182 15.65 6.11 -26.21
CA HIS A 182 15.76 7.17 -27.22
C HIS A 182 14.43 7.89 -27.35
N THR A 183 14.48 9.13 -27.81
CA THR A 183 13.32 10.01 -27.89
C THR A 183 12.52 9.69 -29.16
N ALA A 184 11.57 10.56 -29.48
CA ALA A 184 10.76 10.39 -30.69
C ALA A 184 10.74 11.67 -31.52
N CYS A 185 9.90 11.71 -32.55
CA CYS A 185 9.82 12.84 -33.46
C CYS A 185 8.39 13.36 -33.50
N ALA A 186 8.19 14.41 -34.31
CA ALA A 186 6.88 15.04 -34.45
C ALA A 186 6.44 15.20 -35.90
N GLU A 187 7.10 14.53 -36.85
CA GLU A 187 6.74 14.70 -38.25
C GLU A 187 5.35 14.16 -38.53
N ASN A 188 4.97 13.06 -37.87
CA ASN A 188 3.68 12.42 -38.06
C ASN A 188 3.06 12.09 -36.70
N TRP A 189 3.09 13.08 -35.80
CA TRP A 189 2.52 12.96 -34.47
C TRP A 189 1.11 13.53 -34.49
N THR A 190 0.12 12.69 -34.17
CA THR A 190 -1.27 13.08 -34.16
C THR A 190 -1.84 12.95 -32.74
N THR A 191 -3.14 13.24 -32.61
CA THR A 191 -3.81 13.14 -31.33
C THR A 191 -4.36 11.74 -31.06
N GLN A 192 -4.56 10.93 -32.10
CA GLN A 192 -5.06 9.58 -31.91
C GLN A 192 -4.08 8.69 -31.18
N ILE A 193 -2.78 9.01 -31.23
CA ILE A 193 -1.76 8.24 -30.53
C ILE A 193 -1.32 8.87 -29.22
N SER A 194 -1.63 10.15 -29.00
CA SER A 194 -1.19 10.83 -27.78
C SER A 194 -1.85 10.23 -26.55
N ASN A 195 -3.17 10.02 -26.61
CA ASN A 195 -3.87 9.40 -25.48
C ASN A 195 -3.40 7.98 -25.25
N ASP A 196 -3.03 7.27 -26.32
CA ASP A 196 -2.49 5.92 -26.16
C ASP A 196 -1.17 5.94 -25.41
N VAL A 197 -0.29 6.89 -25.77
CA VAL A 197 0.99 7.02 -25.06
C VAL A 197 0.75 7.40 -23.60
N CYS A 198 -0.20 8.30 -23.35
CA CYS A 198 -0.51 8.67 -21.97
C CYS A 198 -1.04 7.49 -21.17
N GLN A 199 -1.83 6.63 -21.82
CA GLN A 199 -2.33 5.43 -21.13
C GLN A 199 -1.20 4.44 -20.88
N LEU A 200 -0.23 4.35 -21.80
CA LEU A 200 0.92 3.49 -21.57
C LEU A 200 1.75 3.99 -20.39
N LEU A 201 1.83 5.30 -20.21
CA LEU A 201 2.52 5.88 -19.07
C LEU A 201 1.73 5.77 -17.77
N GLY A 202 0.46 5.38 -17.85
CA GLY A 202 -0.37 5.29 -16.67
C GLY A 202 -1.01 6.61 -16.31
N LEU A 203 -1.55 7.31 -17.30
CA LEU A 203 -2.20 8.60 -17.10
C LEU A 203 -3.47 8.66 -17.92
N GLY A 204 -4.11 9.83 -17.93
CA GLY A 204 -5.36 10.00 -18.64
C GLY A 204 -5.21 10.25 -20.12
N SER A 205 -5.93 11.22 -20.64
CA SER A 205 -5.85 11.56 -22.06
C SER A 205 -4.73 12.58 -22.30
N GLY A 206 -4.61 13.02 -23.54
CA GLY A 206 -3.59 13.98 -23.92
C GLY A 206 -4.17 15.37 -24.05
N ASN A 207 -3.60 16.31 -23.28
CA ASN A 207 -4.06 17.70 -23.32
C ASN A 207 -3.55 18.41 -24.56
N SER A 208 -2.22 18.47 -24.70
CA SER A 208 -1.60 19.14 -25.84
C SER A 208 -0.14 18.69 -25.93
N SER A 209 0.50 19.06 -27.02
CA SER A 209 1.90 18.74 -27.26
C SER A 209 2.58 19.93 -27.92
N LYS A 210 3.77 20.29 -27.42
CA LYS A 210 4.51 21.47 -27.89
C LYS A 210 5.87 21.02 -28.39
N PRO A 211 5.96 20.61 -29.67
CA PRO A 211 7.26 20.26 -30.25
C PRO A 211 8.03 21.52 -30.63
N ILE A 212 9.31 21.57 -30.25
CA ILE A 212 10.10 22.77 -30.47
C ILE A 212 11.32 22.46 -31.33
N PHE A 213 12.21 21.60 -30.83
CA PHE A 213 13.46 21.30 -31.50
C PHE A 213 14.11 20.11 -30.78
N PRO A 214 14.96 19.36 -31.47
CA PRO A 214 15.73 18.30 -30.81
C PRO A 214 17.03 18.82 -30.23
N THR A 215 17.32 18.40 -28.99
CA THR A 215 18.53 18.84 -28.30
C THR A 215 19.43 17.71 -27.85
N ASP A 216 18.99 16.46 -27.90
CA ASP A 216 19.78 15.32 -27.48
C ASP A 216 20.22 14.52 -28.71
N GLY A 217 21.40 13.92 -28.61
CA GLY A 217 21.95 13.11 -29.67
C GLY A 217 21.45 11.69 -29.72
N GLY A 218 20.38 11.37 -29.00
CA GLY A 218 19.82 10.04 -29.00
C GLY A 218 19.17 9.69 -30.32
N PRO A 219 19.17 8.40 -30.67
CA PRO A 219 18.55 7.99 -31.94
C PRO A 219 17.04 8.03 -31.90
N PHE A 220 16.46 9.22 -32.08
CA PHE A 220 15.02 9.39 -31.99
C PHE A 220 14.31 8.47 -32.98
N VAL A 221 13.16 7.94 -32.56
CA VAL A 221 12.42 6.94 -33.32
C VAL A 221 11.13 7.58 -33.83
N LYS A 222 10.77 7.25 -35.07
CA LYS A 222 9.55 7.78 -35.66
C LYS A 222 8.34 6.97 -35.19
N LEU A 223 7.24 7.67 -34.92
CA LEU A 223 6.02 7.06 -34.44
C LEU A 223 4.91 7.27 -35.46
N ASN A 224 4.14 6.22 -35.73
CA ASN A 224 3.02 6.26 -36.65
C ASN A 224 1.82 5.55 -36.02
N THR A 225 0.71 5.60 -36.72
CA THR A 225 -0.51 4.95 -36.27
C THR A 225 -0.60 3.54 -36.85
N ALA A 226 -1.64 2.80 -36.44
CA ALA A 226 -1.85 1.44 -36.92
C ALA A 226 -3.32 1.11 -36.80
N PRO A 227 -3.90 0.37 -37.75
CA PRO A 227 -5.34 0.05 -37.66
C PRO A 227 -5.67 -0.94 -36.56
N ASP A 228 -4.72 -1.76 -36.12
CA ASP A 228 -4.95 -2.74 -35.08
C ASP A 228 -4.71 -2.20 -33.69
N GLY A 229 -4.46 -0.90 -33.55
CA GLY A 229 -4.27 -0.29 -32.25
C GLY A 229 -2.95 -0.65 -31.60
N HIS A 230 -1.86 -0.54 -32.36
CA HIS A 230 -0.52 -0.83 -31.85
C HIS A 230 0.40 0.34 -32.17
N LEU A 231 1.01 0.91 -31.14
CA LEU A 231 1.94 2.03 -31.32
C LEU A 231 3.22 1.52 -31.96
N ILE A 232 3.39 1.78 -33.25
CA ILE A 232 4.54 1.32 -34.00
C ILE A 232 5.66 2.34 -33.86
N LEU A 233 6.86 1.87 -33.50
CA LEU A 233 8.04 2.70 -33.36
C LEU A 233 9.02 2.26 -34.45
N THR A 234 8.97 2.93 -35.59
CA THR A 234 9.78 2.52 -36.75
C THR A 234 11.25 2.82 -36.49
N PRO A 235 12.11 1.80 -36.44
CA PRO A 235 13.53 2.04 -36.13
C PRO A 235 14.24 2.72 -37.28
N SER A 236 14.54 4.01 -37.12
CA SER A 236 15.22 4.80 -38.13
C SER A 236 15.68 6.11 -37.51
N GLN A 237 16.74 6.68 -38.06
CA GLN A 237 17.28 7.98 -37.62
C GLN A 237 17.44 8.84 -38.87
N GLN A 238 16.34 9.47 -39.29
CA GLN A 238 16.36 10.37 -40.45
C GLN A 238 15.10 11.23 -40.40
N CYS A 239 15.28 12.53 -40.24
CA CYS A 239 14.15 13.44 -40.17
C CYS A 239 14.64 14.87 -40.37
N LEU A 240 13.86 15.66 -41.11
CA LEU A 240 14.15 17.06 -41.36
C LEU A 240 13.21 17.93 -40.53
N GLN A 241 13.73 19.08 -40.10
CA GLN A 241 13.07 19.98 -39.14
C GLN A 241 12.31 19.21 -38.07
N ASP A 242 13.06 18.35 -37.37
CA ASP A 242 12.50 17.53 -36.32
C ASP A 242 12.31 18.37 -35.05
N SER A 243 11.67 17.76 -34.06
CA SER A 243 11.40 18.41 -32.78
C SER A 243 10.97 17.41 -31.73
N LEU A 244 11.51 17.52 -30.52
CA LEU A 244 11.15 16.61 -29.44
C LEU A 244 9.70 16.86 -29.01
N ILE A 245 9.02 15.79 -28.62
CA ILE A 245 7.62 15.87 -28.21
C ILE A 245 7.54 16.21 -26.73
N ARG A 246 6.95 17.37 -26.43
CA ARG A 246 6.66 17.76 -25.04
C ARG A 246 5.21 17.42 -24.76
N LEU A 247 4.97 16.14 -24.51
CA LEU A 247 3.61 15.63 -24.34
C LEU A 247 3.06 16.00 -22.96
N GLN A 248 1.83 16.48 -22.94
CA GLN A 248 1.11 16.82 -21.71
C GLN A 248 -0.03 15.83 -21.56
N CYS A 249 -0.02 15.07 -20.47
CA CYS A 249 -1.04 14.06 -20.23
C CYS A 249 -1.91 14.46 -19.05
N ASN A 250 -3.20 14.17 -19.14
CA ASN A 250 -4.12 14.41 -18.05
C ASN A 250 -4.01 13.30 -17.00
N HIS A 251 -4.68 13.51 -15.88
CA HIS A 251 -4.65 12.54 -14.79
C HIS A 251 -5.65 11.41 -15.08
N LYS A 252 -5.54 10.35 -14.27
CA LYS A 252 -6.42 9.19 -14.40
C LYS A 252 -7.77 9.51 -13.76
N SER A 253 -8.58 8.47 -13.56
CA SER A 253 -9.88 8.63 -12.90
C SER A 253 -9.63 9.03 -11.45
N CYS A 254 -9.83 10.31 -11.15
CA CYS A 254 -9.53 10.87 -9.84
C CYS A 254 -10.77 10.80 -8.96
N GLY A 255 -10.74 11.50 -7.83
CA GLY A 255 -11.85 11.47 -6.90
C GLY A 255 -13.04 12.26 -7.37
N LYS A 256 -13.71 11.80 -8.43
CA LYS A 256 -14.87 12.46 -8.99
C LYS A 256 -16.08 11.56 -8.84
N LYS A 257 -17.04 11.98 -8.03
CA LYS A 257 -18.27 11.23 -7.84
C LYS A 257 -19.18 11.37 -9.05
N LEU A 258 -19.83 10.28 -9.43
CA LEU A 258 -20.73 10.25 -10.57
C LEU A 258 -22.20 10.17 -10.19
N ALA A 259 -22.51 10.11 -8.90
CA ALA A 259 -23.90 10.05 -8.47
C ALA A 259 -24.55 11.42 -8.57
N ALA A 260 -25.87 11.44 -8.41
CA ALA A 260 -26.64 12.68 -8.43
C ALA A 260 -27.05 13.04 -7.00
N GLN A 261 -26.14 13.74 -6.32
CA GLN A 261 -26.36 14.16 -4.95
C GLN A 261 -26.83 15.61 -4.90
N ASP A 262 -27.26 16.03 -3.71
CA ASP A 262 -27.74 17.37 -3.46
C ASP A 262 -26.85 18.05 -2.42
N ILE A 263 -27.25 19.25 -2.02
CA ILE A 263 -26.51 20.05 -1.04
C ILE A 263 -27.30 20.06 0.26
N THR A 264 -26.67 19.58 1.33
CA THR A 264 -27.30 19.54 2.65
C THR A 264 -26.28 19.91 3.72
N PRO A 265 -26.49 21.01 4.43
CA PRO A 265 -25.52 21.42 5.45
C PRO A 265 -25.59 20.52 6.69
N LYS A 266 -24.51 19.78 6.93
CA LYS A 266 -24.42 18.91 8.09
C LYS A 266 -22.97 18.80 8.57
N ILE A 267 -22.61 19.61 9.55
CA ILE A 267 -21.25 19.59 10.11
C ILE A 267 -21.28 18.84 11.43
N VAL A 268 -22.13 19.27 12.35
CA VAL A 268 -22.28 18.63 13.65
C VAL A 268 -23.52 17.77 13.65
N GLY A 269 -23.35 16.44 13.61
CA GLY A 269 -24.48 15.54 13.56
C GLY A 269 -24.63 14.87 12.22
N GLY A 270 -23.51 14.51 11.61
CA GLY A 270 -23.50 13.87 10.30
C GLY A 270 -24.38 12.63 10.21
N SER A 271 -25.29 12.63 9.25
CA SER A 271 -26.25 11.56 9.06
C SER A 271 -25.69 10.51 8.12
N ASN A 272 -26.55 9.59 7.70
CA ASN A 272 -26.15 8.51 6.81
C ASN A 272 -25.78 9.06 5.43
N ALA A 273 -25.01 8.27 4.70
CA ALA A 273 -24.60 8.60 3.34
C ALA A 273 -25.57 7.99 2.35
N LYS A 274 -25.89 8.75 1.29
CA LYS A 274 -26.78 8.25 0.27
C LYS A 274 -26.11 7.14 -0.54
N GLU A 275 -26.92 6.32 -1.21
CA GLU A 275 -26.42 5.21 -2.00
C GLU A 275 -25.54 5.72 -3.14
N GLY A 276 -24.25 5.40 -3.08
CA GLY A 276 -23.31 5.84 -4.09
C GLY A 276 -22.61 7.14 -3.81
N ALA A 277 -22.74 7.68 -2.60
CA ALA A 277 -22.09 8.95 -2.27
C ALA A 277 -20.60 8.79 -2.01
N TRP A 278 -20.13 7.57 -1.76
CA TRP A 278 -18.72 7.30 -1.51
C TRP A 278 -18.34 6.01 -2.23
N PRO A 279 -18.05 6.09 -3.53
CA PRO A 279 -17.76 4.85 -4.28
C PRO A 279 -16.41 4.23 -3.97
N TRP A 280 -15.46 5.01 -3.45
CA TRP A 280 -14.13 4.49 -3.14
C TRP A 280 -14.02 3.97 -1.71
N VAL A 281 -15.12 3.59 -1.09
CA VAL A 281 -15.14 3.00 0.25
C VAL A 281 -15.44 1.52 0.08
N VAL A 282 -14.46 0.68 0.40
CA VAL A 282 -14.56 -0.76 0.21
C VAL A 282 -14.58 -1.44 1.57
N GLY A 283 -15.51 -2.37 1.75
CA GLY A 283 -15.59 -3.12 2.99
C GLY A 283 -14.75 -4.37 2.95
N LEU A 284 -14.27 -4.79 4.12
CA LEU A 284 -13.45 -6.00 4.25
C LEU A 284 -14.05 -6.90 5.31
N TYR A 285 -14.56 -8.05 4.90
CA TYR A 285 -15.15 -9.02 5.80
C TYR A 285 -14.17 -10.18 6.00
N TYR A 286 -13.88 -10.49 7.26
CA TYR A 286 -12.99 -11.59 7.62
C TYR A 286 -13.85 -12.64 8.34
N GLY A 287 -14.38 -13.58 7.57
CA GLY A 287 -15.23 -14.61 8.12
C GLY A 287 -16.62 -14.10 8.48
N GLY A 288 -17.24 -13.39 7.55
CA GLY A 288 -18.56 -12.83 7.79
C GLY A 288 -18.62 -11.79 8.88
N ARG A 289 -17.66 -10.86 8.89
CA ARG A 289 -17.61 -9.82 9.92
C ARG A 289 -16.74 -8.68 9.41
N LEU A 290 -17.30 -7.48 9.37
CA LEU A 290 -16.54 -6.32 8.93
C LEU A 290 -15.58 -5.87 10.02
N LEU A 291 -14.30 -5.77 9.67
CA LEU A 291 -13.27 -5.38 10.63
C LEU A 291 -12.69 -3.99 10.34
N CYS A 292 -12.23 -3.75 9.12
CA CYS A 292 -11.63 -2.47 8.78
C CYS A 292 -11.89 -2.18 7.30
N GLY A 293 -12.29 -0.94 7.03
CA GLY A 293 -12.56 -0.53 5.66
C GLY A 293 -11.30 -0.42 4.83
N ALA A 294 -11.50 -0.15 3.55
CA ALA A 294 -10.39 -0.03 2.61
C ALA A 294 -10.74 1.02 1.56
N SER A 295 -9.70 1.57 0.94
CA SER A 295 -9.84 2.59 -0.10
C SER A 295 -9.42 1.98 -1.43
N LEU A 296 -10.28 2.14 -2.45
CA LEU A 296 -10.00 1.63 -3.78
C LEU A 296 -9.04 2.58 -4.49
N VAL A 297 -7.81 2.14 -4.72
CA VAL A 297 -6.81 2.98 -5.37
C VAL A 297 -6.56 2.59 -6.81
N SER A 298 -6.98 1.41 -7.25
CA SER A 298 -6.77 0.97 -8.62
C SER A 298 -7.88 -0.01 -8.98
N SER A 299 -7.72 -0.70 -10.11
CA SER A 299 -8.72 -1.67 -10.54
C SER A 299 -8.67 -2.96 -9.74
N ASP A 300 -7.54 -3.27 -9.10
CA ASP A 300 -7.42 -4.50 -8.32
C ASP A 300 -6.66 -4.32 -7.01
N TRP A 301 -6.44 -3.09 -6.56
CA TRP A 301 -5.68 -2.83 -5.35
C TRP A 301 -6.50 -2.03 -4.36
N LEU A 302 -6.29 -2.32 -3.08
CA LEU A 302 -6.93 -1.61 -1.98
C LEU A 302 -5.87 -1.18 -0.97
N VAL A 303 -6.12 -0.05 -0.32
CA VAL A 303 -5.28 0.44 0.77
C VAL A 303 -6.08 0.32 2.06
N SER A 304 -5.53 -0.40 3.04
CA SER A 304 -6.20 -0.63 4.31
C SER A 304 -5.23 -0.37 5.45
N ALA A 305 -5.77 -0.40 6.67
CA ALA A 305 -4.95 -0.22 7.85
C ALA A 305 -4.10 -1.46 8.10
N ALA A 306 -2.88 -1.25 8.59
CA ALA A 306 -1.95 -2.33 8.85
C ALA A 306 -2.13 -2.96 10.22
N HIS A 307 -2.94 -2.36 11.09
CA HIS A 307 -3.13 -2.92 12.42
C HIS A 307 -4.24 -3.98 12.46
N CYS A 308 -5.16 -3.96 11.51
CA CYS A 308 -6.19 -4.99 11.43
C CYS A 308 -5.75 -6.19 10.61
N VAL A 309 -4.93 -5.97 9.57
CA VAL A 309 -4.38 -7.09 8.80
C VAL A 309 -3.13 -7.67 9.44
N TYR A 310 -2.73 -7.17 10.60
CA TYR A 310 -1.55 -7.67 11.30
C TYR A 310 -1.88 -9.04 11.89
N GLY A 311 -1.35 -10.08 11.26
CA GLY A 311 -1.62 -11.45 11.66
C GLY A 311 -2.61 -12.18 10.80
N ARG A 312 -3.46 -11.46 10.06
CA ARG A 312 -4.43 -12.05 9.16
C ARG A 312 -3.97 -12.02 7.70
N ASN A 313 -2.67 -11.95 7.46
CA ASN A 313 -2.13 -11.86 6.12
C ASN A 313 -1.59 -13.19 5.59
N LEU A 314 -1.52 -14.23 6.44
CA LEU A 314 -1.01 -15.51 5.98
C LEU A 314 -1.99 -16.18 5.02
N GLU A 315 -3.29 -16.02 5.25
CA GLU A 315 -4.33 -16.59 4.40
C GLU A 315 -5.18 -15.46 3.84
N PRO A 316 -4.78 -14.85 2.72
CA PRO A 316 -5.59 -13.77 2.14
C PRO A 316 -6.94 -14.23 1.62
N SER A 317 -7.12 -15.53 1.38
CA SER A 317 -8.40 -16.02 0.86
C SER A 317 -9.51 -15.90 1.89
N LYS A 318 -9.18 -15.74 3.17
CA LYS A 318 -10.21 -15.58 4.19
C LYS A 318 -10.87 -14.21 4.13
N TRP A 319 -10.22 -13.22 3.53
CA TRP A 319 -10.80 -11.90 3.41
C TRP A 319 -11.76 -11.85 2.22
N THR A 320 -12.72 -10.92 2.31
CA THR A 320 -13.67 -10.70 1.22
C THR A 320 -13.86 -9.19 1.09
N ALA A 321 -13.54 -8.67 -0.09
CA ALA A 321 -13.67 -7.23 -0.35
C ALA A 321 -15.01 -6.96 -1.01
N ILE A 322 -15.81 -6.10 -0.39
CA ILE A 322 -17.12 -5.72 -0.90
C ILE A 322 -17.01 -4.31 -1.45
N LEU A 323 -17.12 -4.18 -2.77
CA LEU A 323 -17.10 -2.89 -3.43
C LEU A 323 -18.52 -2.36 -3.61
N GLY A 324 -18.69 -1.06 -3.44
CA GLY A 324 -20.01 -0.47 -3.52
C GLY A 324 -20.90 -0.80 -2.34
N LEU A 325 -20.31 -0.99 -1.16
CA LEU A 325 -21.07 -1.37 0.03
C LEU A 325 -21.86 -0.17 0.53
N HIS A 326 -23.17 -0.33 0.64
CA HIS A 326 -24.05 0.72 1.15
C HIS A 326 -24.71 0.33 2.46
N MET A 327 -25.26 -0.89 2.55
CA MET A 327 -25.91 -1.38 3.75
C MET A 327 -25.25 -2.67 4.20
N LYS A 328 -25.08 -2.81 5.52
CA LYS A 328 -24.44 -4.00 6.08
C LYS A 328 -25.39 -5.18 6.21
N SER A 329 -26.70 -4.97 6.03
CA SER A 329 -27.69 -6.03 6.20
C SER A 329 -28.35 -6.42 4.89
N ASN A 330 -27.89 -5.87 3.75
CA ASN A 330 -28.47 -6.19 2.45
C ASN A 330 -27.35 -6.18 1.41
N LEU A 331 -26.82 -7.35 1.12
CA LEU A 331 -25.75 -7.50 0.14
C LEU A 331 -26.25 -7.94 -1.23
N THR A 332 -27.52 -8.27 -1.36
CA THR A 332 -28.11 -8.70 -2.64
C THR A 332 -28.35 -7.54 -3.60
N SER A 333 -27.89 -6.34 -3.28
CA SER A 333 -28.07 -5.21 -4.17
C SER A 333 -27.23 -5.37 -5.43
N PRO A 334 -27.70 -4.85 -6.57
CA PRO A 334 -26.93 -4.97 -7.81
C PRO A 334 -25.65 -4.14 -7.83
N GLN A 335 -25.46 -3.24 -6.87
CA GLN A 335 -24.26 -2.42 -6.82
C GLN A 335 -23.13 -3.07 -6.03
N THR A 336 -23.45 -4.05 -5.17
CA THR A 336 -22.43 -4.73 -4.38
C THR A 336 -21.64 -5.70 -5.27
N VAL A 337 -20.32 -5.62 -5.19
CA VAL A 337 -19.43 -6.47 -5.96
C VAL A 337 -18.50 -7.19 -4.98
N PRO A 338 -18.61 -8.52 -4.88
CA PRO A 338 -17.71 -9.27 -4.01
C PRO A 338 -16.45 -9.72 -4.74
N ARG A 339 -15.33 -9.64 -4.04
CA ARG A 339 -14.04 -10.07 -4.60
C ARG A 339 -13.23 -10.73 -3.50
N LEU A 340 -12.24 -11.52 -3.89
CA LEU A 340 -11.34 -12.17 -2.95
C LEU A 340 -9.99 -11.47 -2.92
N ILE A 341 -9.21 -11.77 -1.90
CA ILE A 341 -7.88 -11.21 -1.72
C ILE A 341 -6.85 -12.32 -1.94
N ASP A 342 -5.82 -12.03 -2.74
CA ASP A 342 -4.78 -12.99 -3.03
C ASP A 342 -3.39 -12.54 -2.60
N GLU A 343 -3.25 -11.33 -2.07
CA GLU A 343 -1.93 -10.85 -1.64
C GLU A 343 -2.14 -9.69 -0.66
N ILE A 344 -1.46 -9.75 0.47
CA ILE A 344 -1.50 -8.70 1.49
C ILE A 344 -0.07 -8.30 1.80
N VAL A 345 0.28 -7.05 1.48
CA VAL A 345 1.62 -6.54 1.68
C VAL A 345 1.57 -5.46 2.76
N ILE A 346 2.21 -5.72 3.88
CA ILE A 346 2.29 -4.76 4.98
C ILE A 346 3.46 -3.83 4.71
N ASN A 347 3.34 -2.58 5.17
CA ASN A 347 4.39 -1.60 4.96
C ASN A 347 5.68 -2.06 5.63
N PRO A 348 6.82 -1.95 4.95
CA PRO A 348 8.08 -2.41 5.57
C PRO A 348 8.47 -1.62 6.81
N HIS A 349 8.11 -0.35 6.89
CA HIS A 349 8.46 0.49 8.04
C HIS A 349 7.40 0.45 9.13
N TYR A 350 6.49 -0.51 9.10
CA TYR A 350 5.43 -0.59 10.09
C TYR A 350 5.98 -0.95 11.46
N ASN A 351 5.33 -0.44 12.50
CA ASN A 351 5.71 -0.73 13.87
C ASN A 351 4.45 -0.71 14.72
N ARG A 352 4.05 -1.87 15.23
CA ARG A 352 2.82 -1.95 16.02
C ARG A 352 2.99 -1.31 17.40
N ARG A 353 4.22 -1.32 17.93
CA ARG A 353 4.47 -0.72 19.24
C ARG A 353 4.50 0.79 19.20
N ARG A 354 4.70 1.40 18.03
CA ARG A 354 4.65 2.84 17.87
C ARG A 354 3.50 3.30 16.99
N LYS A 355 2.74 2.39 16.41
CA LYS A 355 1.58 2.70 15.57
C LYS A 355 1.97 3.58 14.38
N ASP A 356 3.19 3.41 13.87
CA ASP A 356 3.68 4.20 12.75
C ASP A 356 3.66 3.38 11.47
N ASN A 357 3.50 4.08 10.34
CA ASN A 357 3.43 3.46 9.02
C ASN A 357 2.28 2.45 8.95
N ASP A 358 1.11 2.85 9.46
CA ASP A 358 -0.06 1.98 9.47
C ASP A 358 -0.73 2.06 8.11
N ILE A 359 -0.24 1.23 7.18
CA ILE A 359 -0.78 1.18 5.83
C ILE A 359 -0.43 -0.19 5.26
N ALA A 360 -1.33 -0.71 4.41
CA ALA A 360 -1.16 -2.04 3.85
C ALA A 360 -1.85 -2.12 2.50
N MET A 361 -1.19 -2.75 1.53
CA MET A 361 -1.78 -2.98 0.22
C MET A 361 -2.43 -4.36 0.18
N MET A 362 -3.56 -4.43 -0.52
CA MET A 362 -4.31 -5.68 -0.66
C MET A 362 -4.69 -5.85 -2.12
N HIS A 363 -4.16 -6.90 -2.75
CA HIS A 363 -4.47 -7.18 -4.15
C HIS A 363 -5.79 -7.94 -4.25
N LEU A 364 -6.63 -7.54 -5.20
CA LEU A 364 -7.90 -8.19 -5.43
C LEU A 364 -7.71 -9.44 -6.29
N GLU A 365 -8.68 -10.36 -6.19
CA GLU A 365 -8.62 -11.58 -6.98
C GLU A 365 -8.76 -11.27 -8.46
N PHE A 366 -9.88 -10.67 -8.85
CA PHE A 366 -10.14 -10.31 -10.23
C PHE A 366 -10.34 -8.80 -10.35
N LYS A 367 -10.00 -8.26 -11.52
CA LYS A 367 -10.19 -6.84 -11.76
C LYS A 367 -11.66 -6.51 -11.87
N VAL A 368 -12.05 -5.40 -11.25
CA VAL A 368 -13.45 -4.97 -11.19
C VAL A 368 -13.60 -3.74 -12.08
N ASN A 369 -14.68 -3.72 -12.87
CA ASN A 369 -14.95 -2.57 -13.72
C ASN A 369 -15.42 -1.38 -12.88
N TYR A 370 -15.26 -0.20 -13.44
CA TYR A 370 -15.73 1.02 -12.78
C TYR A 370 -17.16 1.33 -13.22
N THR A 371 -18.02 1.58 -12.24
CA THR A 371 -19.43 1.87 -12.48
C THR A 371 -19.77 3.21 -11.83
N ASP A 372 -21.05 3.57 -11.89
CA ASP A 372 -21.51 4.82 -11.29
C ASP A 372 -21.44 4.79 -9.77
N TYR A 373 -21.38 3.60 -9.17
CA TYR A 373 -21.31 3.46 -7.72
C TYR A 373 -19.97 2.91 -7.25
N ILE A 374 -19.02 2.69 -8.16
CA ILE A 374 -17.70 2.17 -7.80
C ILE A 374 -16.68 2.96 -8.61
N GLN A 375 -15.88 3.77 -7.92
CA GLN A 375 -14.84 4.58 -8.54
C GLN A 375 -13.60 4.54 -7.66
N PRO A 376 -12.41 4.54 -8.26
CA PRO A 376 -11.19 4.50 -7.45
C PRO A 376 -10.91 5.85 -6.80
N ILE A 377 -10.27 5.79 -5.63
CA ILE A 377 -9.87 6.99 -4.91
C ILE A 377 -8.68 7.60 -5.62
N CYS A 378 -8.37 8.85 -5.31
CA CYS A 378 -7.33 9.61 -6.00
C CYS A 378 -6.15 9.79 -5.04
N LEU A 379 -4.99 9.27 -5.44
CA LEU A 379 -3.80 9.42 -4.60
C LEU A 379 -3.28 10.85 -4.66
N PRO A 380 -2.77 11.38 -3.55
CA PRO A 380 -2.24 12.75 -3.56
C PRO A 380 -0.95 12.83 -4.36
N GLU A 381 -0.78 13.94 -5.06
CA GLU A 381 0.41 14.15 -5.87
C GLU A 381 1.64 14.34 -4.98
N GLU A 382 2.81 14.26 -5.61
CA GLU A 382 4.05 14.44 -4.88
C GLU A 382 4.20 15.90 -4.43
N ASN A 383 4.76 16.08 -3.23
CA ASN A 383 4.99 17.40 -2.64
C ASN A 383 3.68 18.19 -2.53
N GLN A 384 2.72 17.57 -1.85
CA GLN A 384 1.42 18.17 -1.60
C GLN A 384 1.18 18.26 -0.10
N VAL A 385 0.83 19.46 0.37
CA VAL A 385 0.61 19.71 1.79
C VAL A 385 -0.84 20.12 2.00
N PHE A 386 -1.46 19.55 3.03
CA PHE A 386 -2.84 19.89 3.38
C PHE A 386 -2.84 20.82 4.57
N PRO A 387 -3.33 22.06 4.44
CA PRO A 387 -3.25 22.99 5.57
C PRO A 387 -4.22 22.58 6.67
N PRO A 388 -3.90 22.91 7.92
CA PRO A 388 -4.83 22.60 9.02
C PRO A 388 -6.12 23.40 8.89
N GLY A 389 -7.11 22.98 9.67
CA GLY A 389 -8.41 23.62 9.63
C GLY A 389 -9.22 23.33 8.39
N ARG A 390 -8.83 22.33 7.60
CA ARG A 390 -9.53 21.97 6.36
C ARG A 390 -10.54 20.88 6.68
N ASN A 391 -11.81 21.17 6.43
CA ASN A 391 -12.88 20.22 6.71
C ASN A 391 -12.87 19.11 5.67
N CYS A 392 -12.37 17.93 6.05
CA CYS A 392 -12.34 16.78 5.17
C CYS A 392 -13.35 15.77 5.66
N SER A 393 -13.98 15.05 4.73
CA SER A 393 -14.99 14.07 5.10
C SER A 393 -14.37 12.69 5.29
N ILE A 394 -15.05 11.87 6.10
CA ILE A 394 -14.65 10.50 6.35
C ILE A 394 -15.85 9.60 6.07
N ALA A 395 -15.62 8.29 6.15
CA ALA A 395 -16.67 7.32 5.92
C ALA A 395 -16.34 6.03 6.66
N GLY A 396 -17.38 5.38 7.17
CA GLY A 396 -17.19 4.14 7.89
C GLY A 396 -18.46 3.72 8.60
N TRP A 397 -18.34 2.60 9.30
CA TRP A 397 -19.47 2.01 10.03
C TRP A 397 -19.16 1.91 11.52
N GLY A 398 -18.64 2.99 12.09
CA GLY A 398 -18.24 2.96 13.49
C GLY A 398 -19.41 2.66 14.42
N THR A 399 -19.09 2.07 15.56
CA THR A 399 -20.06 1.68 16.57
C THR A 399 -20.02 2.66 17.73
N VAL A 400 -21.17 2.86 18.37
CA VAL A 400 -21.25 3.81 19.48
C VAL A 400 -20.53 3.27 20.71
N VAL A 401 -20.44 1.95 20.85
CA VAL A 401 -19.76 1.32 21.99
C VAL A 401 -18.93 0.17 21.47
N TYR A 402 -18.07 -0.37 22.35
CA TYR A 402 -17.11 -1.38 21.93
C TYR A 402 -17.80 -2.69 21.56
N GLN A 403 -18.82 -3.10 22.31
CA GLN A 403 -19.46 -4.40 22.15
C GLN A 403 -20.96 -4.24 21.92
N GLY A 404 -21.33 -3.34 21.02
CA GLY A 404 -22.73 -3.12 20.69
C GLY A 404 -23.05 -3.34 19.23
N THR A 405 -24.16 -2.77 18.77
CA THR A 405 -24.57 -2.89 17.38
C THR A 405 -24.11 -1.67 16.60
N THR A 406 -23.57 -1.92 15.41
CA THR A 406 -23.06 -0.86 14.55
C THR A 406 -24.14 -0.36 13.60
N ALA A 407 -23.84 0.76 12.93
CA ALA A 407 -24.79 1.33 11.98
C ALA A 407 -24.87 0.46 10.73
N ASN A 408 -26.11 0.21 10.28
CA ASN A 408 -26.30 -0.62 9.09
C ASN A 408 -25.90 0.12 7.83
N ILE A 409 -26.24 1.40 7.72
CA ILE A 409 -25.91 2.19 6.54
C ILE A 409 -24.53 2.80 6.73
N LEU A 410 -23.92 3.21 5.62
CA LEU A 410 -22.60 3.84 5.66
C LEU A 410 -22.69 5.23 6.29
N GLN A 411 -21.94 5.43 7.36
CA GLN A 411 -21.91 6.72 8.05
C GLN A 411 -20.78 7.59 7.51
N GLU A 412 -21.01 8.90 7.53
CA GLU A 412 -20.03 9.86 7.05
C GLU A 412 -20.15 11.14 7.86
N ALA A 413 -19.03 11.85 7.99
CA ALA A 413 -19.00 13.09 8.76
C ALA A 413 -17.76 13.88 8.37
N ASP A 414 -17.86 15.19 8.52
CA ASP A 414 -16.76 16.11 8.20
C ASP A 414 -16.03 16.50 9.46
N VAL A 415 -14.69 16.44 9.41
CA VAL A 415 -13.85 16.82 10.54
C VAL A 415 -12.76 17.77 10.05
N PRO A 416 -12.38 18.76 10.84
CA PRO A 416 -11.30 19.66 10.43
C PRO A 416 -9.92 19.09 10.76
N LEU A 417 -8.96 19.44 9.92
CA LEU A 417 -7.59 18.98 10.11
C LEU A 417 -6.92 19.74 11.25
N LEU A 418 -5.94 19.09 11.88
CA LEU A 418 -5.18 19.68 12.98
C LEU A 418 -3.70 19.52 12.72
N SER A 419 -2.91 20.44 13.28
CA SER A 419 -1.47 20.37 13.16
C SER A 419 -0.91 19.33 14.13
N ASN A 420 0.31 18.87 13.82
CA ASN A 420 0.93 17.84 14.66
C ASN A 420 1.30 18.39 16.03
N GLU A 421 1.67 19.67 16.12
CA GLU A 421 2.03 20.24 17.42
C GLU A 421 0.84 20.27 18.35
N ARG A 422 -0.29 20.84 17.88
CA ARG A 422 -1.49 20.88 18.70
C ARG A 422 -2.02 19.48 18.98
N CYS A 423 -1.85 18.55 18.04
CA CYS A 423 -2.29 17.18 18.27
C CYS A 423 -1.49 16.53 19.38
N GLN A 424 -0.17 16.69 19.37
CA GLN A 424 0.65 16.16 20.45
C GLN A 424 0.33 16.85 21.77
N GLN A 425 0.02 18.14 21.72
CA GLN A 425 -0.40 18.84 22.94
C GLN A 425 -1.72 18.28 23.47
N GLN A 426 -2.58 17.77 22.58
CA GLN A 426 -3.84 17.17 23.00
C GLN A 426 -3.71 15.69 23.35
N MET A 427 -2.72 14.98 22.80
CA MET A 427 -2.49 13.57 23.07
C MET A 427 -1.09 13.41 23.66
N PRO A 428 -0.95 13.60 24.98
CA PRO A 428 0.38 13.42 25.60
C PRO A 428 0.77 11.96 25.79
N GLU A 429 -0.12 11.01 25.53
CA GLU A 429 0.20 9.61 25.74
C GLU A 429 0.90 9.00 24.54
N TYR A 430 0.28 9.06 23.37
CA TYR A 430 0.82 8.44 22.18
C TYR A 430 1.99 9.27 21.64
N ASN A 431 2.55 8.85 20.50
CA ASN A 431 3.69 9.50 19.89
C ASN A 431 3.32 9.86 18.45
N ILE A 432 3.31 11.16 18.15
CA ILE A 432 2.94 11.65 16.84
C ILE A 432 4.21 11.83 16.01
N THR A 433 4.39 10.99 14.99
CA THR A 433 5.55 11.07 14.12
C THR A 433 5.28 12.02 12.96
N GLU A 434 6.24 12.13 12.05
CA GLU A 434 6.12 12.98 10.87
C GLU A 434 5.35 12.31 9.74
N ASN A 435 4.77 11.13 9.97
CA ASN A 435 4.01 10.42 8.96
C ASN A 435 2.56 10.22 9.40
N MET A 436 2.05 11.14 10.21
CA MET A 436 0.68 11.08 10.71
C MET A 436 0.00 12.43 10.51
N ILE A 437 -1.33 12.39 10.52
CA ILE A 437 -2.14 13.60 10.38
C ILE A 437 -3.35 13.46 11.29
N CYS A 438 -3.61 14.47 12.11
CA CYS A 438 -4.72 14.43 13.05
C CYS A 438 -5.89 15.24 12.52
N ALA A 439 -7.10 14.73 12.78
CA ALA A 439 -8.32 15.40 12.34
C ALA A 439 -9.46 14.99 13.26
N GLY A 440 -10.28 15.96 13.61
CA GLY A 440 -11.42 15.74 14.49
C GLY A 440 -11.67 16.95 15.36
N TYR A 441 -12.88 17.01 15.91
CA TYR A 441 -13.26 18.12 16.77
C TYR A 441 -12.79 17.89 18.19
N GLU A 442 -12.36 18.97 18.85
CA GLU A 442 -11.95 18.90 20.25
C GLU A 442 -13.12 18.93 21.21
N GLU A 443 -14.35 19.15 20.71
CA GLU A 443 -15.53 19.20 21.55
C GLU A 443 -16.28 17.88 21.63
N GLY A 444 -15.86 16.87 20.87
CA GLY A 444 -16.50 15.58 20.90
C GLY A 444 -17.70 15.49 19.97
N GLY A 445 -18.40 14.38 20.10
CA GLY A 445 -19.58 14.13 19.28
C GLY A 445 -19.25 13.44 17.97
N ILE A 446 -18.48 14.12 17.12
CA ILE A 446 -18.10 13.58 15.82
C ILE A 446 -16.72 12.95 16.02
N ASP A 447 -16.71 11.65 16.30
CA ASP A 447 -15.48 10.90 16.52
C ASP A 447 -15.60 9.51 15.94
N SER A 448 -14.54 9.04 15.30
CA SER A 448 -14.52 7.69 14.75
C SER A 448 -14.39 6.67 15.88
N CYS A 449 -14.66 5.41 15.53
CA CYS A 449 -14.60 4.32 16.49
C CYS A 449 -14.22 3.05 15.76
N GLN A 450 -14.41 1.90 16.41
CA GLN A 450 -14.08 0.62 15.78
C GLN A 450 -14.99 0.38 14.57
N GLY A 451 -14.42 -0.23 13.54
CA GLY A 451 -15.12 -0.45 12.29
C GLY A 451 -14.75 0.52 11.20
N ASP A 452 -14.22 1.68 11.55
CA ASP A 452 -13.77 2.68 10.58
C ASP A 452 -12.28 2.62 10.33
N SER A 453 -11.59 1.59 10.82
CA SER A 453 -10.16 1.45 10.59
C SER A 453 -9.88 1.30 9.11
N GLY A 454 -8.78 1.91 8.66
CA GLY A 454 -8.47 1.94 7.24
C GLY A 454 -9.31 2.90 6.43
N GLY A 455 -10.24 3.62 7.05
CA GLY A 455 -11.08 4.56 6.35
C GLY A 455 -10.31 5.75 5.84
N PRO A 456 -10.64 6.21 4.63
CA PRO A 456 -9.90 7.31 4.03
C PRO A 456 -10.26 8.65 4.65
N LEU A 457 -9.28 9.54 4.69
CA LEU A 457 -9.48 10.93 5.10
C LEU A 457 -9.59 11.74 3.81
N MET A 458 -10.81 11.78 3.27
CA MET A 458 -11.05 12.35 1.94
C MET A 458 -11.07 13.87 2.03
N CYS A 459 -10.08 14.52 1.44
CA CYS A 459 -9.99 15.96 1.37
C CYS A 459 -10.20 16.40 -0.08
N GLN A 460 -11.21 17.24 -0.31
CA GLN A 460 -11.51 17.71 -1.65
C GLN A 460 -10.56 18.82 -2.06
N GLU A 461 -10.05 18.74 -3.29
CA GLU A 461 -9.15 19.75 -3.83
C GLU A 461 -9.45 19.91 -5.32
N ASN A 462 -10.04 21.04 -5.69
CA ASN A 462 -10.39 21.35 -7.08
C ASN A 462 -11.28 20.26 -7.68
N ASN A 463 -12.43 20.07 -7.05
CA ASN A 463 -13.43 19.09 -7.49
C ASN A 463 -12.85 17.68 -7.57
N ARG A 464 -11.86 17.39 -6.74
CA ARG A 464 -11.22 16.07 -6.72
C ARG A 464 -11.02 15.65 -5.27
N TRP A 465 -11.45 14.44 -4.94
CA TRP A 465 -11.35 13.90 -3.60
C TRP A 465 -10.07 13.06 -3.50
N PHE A 466 -9.08 13.57 -2.77
CA PHE A 466 -7.81 12.89 -2.63
C PHE A 466 -7.84 11.93 -1.44
N LEU A 467 -6.70 11.33 -1.13
CA LEU A 467 -6.54 10.41 -0.01
C LEU A 467 -5.47 10.98 0.91
N ALA A 468 -5.90 11.61 2.00
CA ALA A 468 -5.00 12.31 2.92
C ALA A 468 -5.00 11.68 4.31
N GLY A 469 -5.20 10.36 4.40
CA GLY A 469 -5.16 9.71 5.69
C GLY A 469 -5.79 8.33 5.72
N VAL A 470 -5.20 7.44 6.52
CA VAL A 470 -5.71 6.09 6.74
C VAL A 470 -5.77 5.85 8.24
N THR A 471 -6.94 5.46 8.74
CA THR A 471 -7.15 5.31 10.17
C THR A 471 -6.15 4.34 10.78
N SER A 472 -5.43 4.81 11.80
CA SER A 472 -4.37 4.03 12.44
C SER A 472 -4.76 3.61 13.86
N PHE A 473 -5.10 4.57 14.71
CA PHE A 473 -5.45 4.28 16.10
C PHE A 473 -6.27 5.43 16.65
N GLY A 474 -6.50 5.42 17.96
CA GLY A 474 -7.27 6.47 18.60
C GLY A 474 -7.59 6.09 20.02
N TYR A 475 -7.97 7.11 20.80
CA TYR A 475 -8.32 6.91 22.19
C TYR A 475 -9.76 6.41 22.28
N LYS A 476 -10.32 6.44 23.49
CA LYS A 476 -11.69 5.99 23.68
C LYS A 476 -12.66 6.88 22.90
N CYS A 477 -13.69 6.24 22.33
CA CYS A 477 -14.63 6.95 21.47
C CYS A 477 -15.55 7.84 22.31
N ALA A 478 -16.21 8.77 21.61
CA ALA A 478 -17.17 9.70 22.22
C ALA A 478 -16.52 10.54 23.32
N LEU A 479 -15.26 10.91 23.14
CA LEU A 479 -14.56 11.75 24.11
C LEU A 479 -14.04 13.01 23.44
N PRO A 480 -14.32 14.18 23.99
CA PRO A 480 -13.80 15.42 23.40
C PRO A 480 -12.28 15.50 23.51
N ASN A 481 -11.72 16.42 22.72
CA ASN A 481 -10.28 16.71 22.72
C ASN A 481 -9.46 15.47 22.37
N ARG A 482 -10.03 14.56 21.58
CA ARG A 482 -9.35 13.34 21.14
C ARG A 482 -9.55 13.18 19.65
N PRO A 483 -8.75 13.89 18.84
CA PRO A 483 -8.89 13.78 17.38
C PRO A 483 -8.29 12.50 16.85
N GLY A 484 -8.89 12.00 15.76
CA GLY A 484 -8.40 10.77 15.16
C GLY A 484 -7.10 11.00 14.42
N VAL A 485 -6.16 10.09 14.63
CA VAL A 485 -4.85 10.13 13.98
C VAL A 485 -4.86 9.15 12.83
N TYR A 486 -4.50 9.62 11.63
CA TYR A 486 -4.50 8.81 10.43
C TYR A 486 -3.10 8.77 9.85
N ALA A 487 -2.78 7.68 9.15
CA ALA A 487 -1.49 7.55 8.50
C ALA A 487 -1.43 8.50 7.30
N ARG A 488 -0.42 9.37 7.30
CA ARG A 488 -0.27 10.36 6.23
C ARG A 488 0.07 9.65 4.92
N VAL A 489 -0.90 9.59 4.01
CA VAL A 489 -0.68 8.91 2.73
C VAL A 489 0.26 9.71 1.83
N SER A 490 0.41 11.01 2.08
CA SER A 490 1.32 11.83 1.28
C SER A 490 2.76 11.35 1.38
N ARG A 491 3.13 10.71 2.49
CA ARG A 491 4.47 10.14 2.63
C ARG A 491 4.59 8.75 2.04
N PHE A 492 3.48 8.08 1.77
CA PHE A 492 3.48 6.72 1.23
C PHE A 492 2.94 6.68 -0.20
N THR A 493 3.04 7.79 -0.93
CA THR A 493 2.49 7.83 -2.28
C THR A 493 3.33 6.99 -3.24
N GLU A 494 4.66 7.17 -3.21
CA GLU A 494 5.53 6.41 -4.10
C GLU A 494 5.51 4.92 -3.78
N TRP A 495 5.34 4.56 -2.51
CA TRP A 495 5.28 3.16 -2.15
C TRP A 495 4.04 2.49 -2.73
N ILE A 496 2.94 3.21 -2.84
CA ILE A 496 1.73 2.65 -3.46
C ILE A 496 1.87 2.66 -4.97
N GLN A 497 2.43 3.73 -5.54
CA GLN A 497 2.59 3.80 -6.99
C GLN A 497 3.56 2.73 -7.51
N SER A 498 4.51 2.30 -6.68
CA SER A 498 5.40 1.22 -7.07
C SER A 498 4.69 -0.12 -7.19
N PHE A 499 3.56 -0.29 -6.50
CA PHE A 499 2.77 -1.51 -6.60
C PHE A 499 1.61 -1.41 -7.57
N LEU A 500 1.10 -0.20 -7.83
CA LEU A 500 0.00 -0.05 -8.77
C LEU A 500 0.42 -0.32 -10.20
N HIS A 501 1.71 -0.19 -10.52
CA HIS A 501 2.20 -0.42 -11.87
C HIS A 501 2.19 -1.91 -12.21
#